data_5UNE
#
_entry.id   5UNE
#
_cell.length_a   61.562
_cell.length_b   39.826
_cell.length_c   80.974
_cell.angle_alpha   90.000
_cell.angle_beta   111.829
_cell.angle_gamma   90.000
#
_symmetry.space_group_name_H-M   'P 1 21 1'
#
loop_
_entity.id
_entity.type
_entity.pdbx_description
1 polymer 'RNA (47-MER)'
2 non-polymer 'MAGNESIUM ION'
3 water water
#
_entity_poly.entity_id   1
_entity_poly.type   'polyribonucleotide'
_entity_poly.pdbx_seq_one_letter_code
;GGGAAAUGAUGGGCGUAGACGCACGUCAGCGGCGGAAAUGGUUUCCC
;
_entity_poly.pdbx_strand_id   A,B
#
loop_
_chem_comp.id
_chem_comp.type
_chem_comp.name
_chem_comp.formula
A RNA linking ADENOSINE-5'-MONOPHOSPHATE 'C10 H14 N5 O7 P'
C RNA linking CYTIDINE-5'-MONOPHOSPHATE 'C9 H14 N3 O8 P'
G RNA linking GUANOSINE-5'-MONOPHOSPHATE 'C10 H14 N5 O8 P'
MG non-polymer 'MAGNESIUM ION' 'Mg 2'
U RNA linking URIDINE-5'-MONOPHOSPHATE 'C9 H13 N2 O9 P'
#
# COMPACT_ATOMS: atom_id res chain seq x y z
MG MG C . 11.74 20.21 15.39
MG MG D . -11.74 -20.21 -15.39
#